data_1FY3
#
_entry.id   1FY3
#
_cell.length_a   38.003
_cell.length_b   65.138
_cell.length_c   100.655
_cell.angle_alpha   90.00
_cell.angle_beta   90.00
_cell.angle_gamma   90.00
#
_symmetry.space_group_name_H-M   'P 21 21 21'
#
loop_
_entity.id
_entity.type
_entity.pdbx_description
1 polymer 'HEPARIN-BINDING PROTEIN'
2 branched 2-acetamido-2-deoxy-beta-D-glucopyranose-(1-4)-2-acetamido-2-deoxy-beta-D-glucopyranose
3 non-polymer 2-acetamido-2-deoxy-beta-D-glucopyranose
4 non-polymer 'CHLORIDE ION'
5 non-polymer ETHANOL
6 water water
#
_entity_poly.entity_id   1
_entity_poly.type   'polypeptide(L)'
_entity_poly.pdbx_seq_one_letter_code
;IVGGRKARPRQFPFLASIQNQGRHFCGGALIHARFVMTAASCFQSQNPGVSTVVLGAYDLRRRERQSRQTFSISSMSENG
YDPQQNLNDLMLLQLDREANLTSSVTILPLPLQNATVEAGTRCQVAGWGSQRSGGRLSRFPRFVNVTVTPEDQCRPNNVC
TGVLTRRGGICNGDQGTPLVCEGLAHGVASFSLGPCGRGPDFFTRVALFRDWIDGVLNNPGPGPA
;
_entity_poly.pdbx_strand_id   A
#
loop_
_chem_comp.id
_chem_comp.type
_chem_comp.name
_chem_comp.formula
CL non-polymer 'CHLORIDE ION' 'Cl -1'
EOH non-polymer ETHANOL 'C2 H6 O'
NAG D-saccharide, beta linking 2-acetamido-2-deoxy-beta-D-glucopyranose 'C8 H15 N O6'
#
# COMPACT_ATOMS: atom_id res chain seq x y z
N ILE A 1 4.51 5.51 9.32
CA ILE A 1 5.83 5.72 8.76
C ILE A 1 6.77 6.30 9.79
N VAL A 2 7.96 5.71 9.91
CA VAL A 2 8.92 6.22 10.84
C VAL A 2 10.06 6.88 10.11
N GLY A 3 10.58 7.95 10.71
CA GLY A 3 11.70 8.70 10.18
C GLY A 3 11.36 9.37 8.89
N GLY A 4 10.07 9.72 8.72
CA GLY A 4 9.62 10.35 7.49
C GLY A 4 9.27 11.83 7.65
N ARG A 5 8.70 12.36 6.58
CA ARG A 5 8.31 13.73 6.52
C ARG A 5 6.83 13.84 6.21
N LYS A 6 6.22 14.91 6.71
CA LYS A 6 4.82 15.14 6.45
C LYS A 6 4.60 15.41 4.96
N ALA A 7 3.62 14.74 4.39
CA ALA A 7 3.32 14.93 2.99
C ALA A 7 2.45 16.16 2.82
N ARG A 8 2.40 16.66 1.61
CA ARG A 8 1.56 17.77 1.24
C ARG A 8 0.30 17.16 0.65
N PRO A 9 -0.78 17.91 0.68
CA PRO A 9 -2.02 17.40 0.12
C PRO A 9 -1.81 17.02 -1.35
N ARG A 10 -2.36 15.88 -1.76
CA ARG A 10 -2.28 15.41 -3.14
C ARG A 10 -0.89 14.96 -3.58
N GLN A 11 0.07 14.96 -2.67
CA GLN A 11 1.40 14.51 -3.03
C GLN A 11 1.41 13.03 -3.51
N PHE A 12 0.57 12.20 -2.88
CA PHE A 12 0.41 10.77 -3.19
C PHE A 12 -1.08 10.51 -3.40
N PRO A 13 -1.57 11.01 -4.49
CA PRO A 13 -2.99 10.97 -4.82
C PRO A 13 -3.60 9.59 -5.05
N PHE A 14 -2.77 8.57 -5.11
CA PHE A 14 -3.26 7.21 -5.32
C PHE A 14 -3.48 6.51 -3.99
N LEU A 15 -3.06 7.15 -2.91
CA LEU A 15 -3.16 6.54 -1.60
C LEU A 15 -4.59 6.24 -1.14
N ALA A 16 -4.77 5.10 -0.48
CA ALA A 16 -6.06 4.71 0.07
C ALA A 16 -5.93 4.51 1.57
N SER A 17 -6.97 4.91 2.29
CA SER A 17 -7.06 4.70 3.72
C SER A 17 -8.16 3.68 3.90
N ILE A 18 -7.81 2.48 4.42
CA ILE A 18 -8.78 1.42 4.64
C ILE A 18 -9.22 1.51 6.09
N GLN A 19 -10.52 1.68 6.29
CA GLN A 19 -11.05 1.92 7.60
C GLN A 19 -12.10 0.95 8.05
N ASN A 20 -12.14 0.78 9.36
CA ASN A 20 -13.14 -0.07 10.01
C ASN A 20 -13.90 0.77 11.03
N GLN A 21 -15.17 0.97 10.76
CA GLN A 21 -15.98 1.82 11.59
C GLN A 21 -15.29 3.17 11.72
N GLY A 22 -14.81 3.68 10.58
CA GLY A 22 -14.14 4.99 10.51
C GLY A 22 -12.70 5.04 11.07
N ARG A 23 -12.16 3.89 11.51
CA ARG A 23 -10.83 3.80 12.05
C ARG A 23 -9.88 3.23 11.02
N HIS A 24 -8.86 4.03 10.67
CA HIS A 24 -7.85 3.61 9.70
C HIS A 24 -7.05 2.47 10.24
N PHE A 25 -6.99 1.37 9.49
CA PHE A 25 -6.19 0.23 9.92
C PHE A 25 -5.19 -0.24 8.87
N CYS A 26 -5.34 0.21 7.66
CA CYS A 26 -4.42 -0.25 6.64
C CYS A 26 -4.41 0.71 5.48
N GLY A 27 -3.33 0.63 4.72
CA GLY A 27 -3.21 1.48 3.56
C GLY A 27 -3.45 0.68 2.30
N GLY A 28 -3.39 1.37 1.19
CA GLY A 28 -3.58 0.74 -0.11
C GLY A 28 -3.37 1.75 -1.24
N ALA A 29 -3.63 1.28 -2.46
CA ALA A 29 -3.47 2.15 -3.61
C ALA A 29 -4.51 1.89 -4.67
N LEU A 30 -4.95 2.96 -5.31
CA LEU A 30 -5.88 2.84 -6.39
C LEU A 30 -5.04 2.44 -7.58
N ILE A 31 -5.34 1.29 -8.18
CA ILE A 31 -4.59 0.79 -9.35
C ILE A 31 -5.47 0.69 -10.58
N HIS A 32 -6.71 1.01 -10.37
CA HIS A 32 -7.72 0.97 -11.40
C HIS A 32 -8.95 1.75 -10.92
N ALA A 33 -9.71 2.28 -11.83
CA ALA A 33 -10.86 3.03 -11.38
C ALA A 33 -11.75 2.24 -10.45
N ARG A 34 -11.72 0.93 -10.58
CA ARG A 34 -12.59 0.12 -9.75
C ARG A 34 -11.87 -0.76 -8.74
N PHE A 35 -10.55 -0.65 -8.64
CA PHE A 35 -9.81 -1.50 -7.71
C PHE A 35 -8.72 -0.79 -6.93
N VAL A 36 -8.59 -1.21 -5.67
CA VAL A 36 -7.55 -0.74 -4.75
C VAL A 36 -6.72 -1.97 -4.38
N MET A 37 -5.41 -1.81 -4.47
CA MET A 37 -4.48 -2.87 -4.15
C MET A 37 -4.01 -2.68 -2.72
N THR A 38 -4.03 -3.74 -1.95
CA THR A 38 -3.60 -3.67 -0.58
C THR A 38 -2.98 -5.00 -0.16
N ALA A 39 -2.76 -5.16 1.13
CA ALA A 39 -2.20 -6.39 1.61
C ALA A 39 -3.30 -7.32 2.09
N ALA A 40 -3.17 -8.62 1.75
CA ALA A 40 -4.15 -9.62 2.20
C ALA A 40 -4.15 -9.75 3.71
N SER A 41 -2.98 -9.50 4.30
CA SER A 41 -2.86 -9.60 5.74
C SER A 41 -3.83 -8.69 6.44
N CYS A 42 -4.15 -7.57 5.82
CA CYS A 42 -5.06 -6.62 6.44
C CYS A 42 -6.47 -7.18 6.66
N PHE A 43 -6.78 -8.29 5.97
CA PHE A 43 -8.10 -8.92 6.06
C PHE A 43 -7.99 -10.37 6.50
N VAL A 50 -16.71 -5.61 7.03
CA VAL A 50 -17.28 -4.33 6.66
C VAL A 50 -16.31 -3.20 6.95
N SER A 51 -15.52 -2.97 5.91
CA SER A 51 -14.54 -1.98 5.87
C SER A 51 -14.92 -1.08 4.76
N THR A 52 -14.39 0.12 4.78
CA THR A 52 -14.64 1.05 3.72
C THR A 52 -13.28 1.47 3.21
N VAL A 53 -13.27 2.07 2.05
CA VAL A 53 -12.04 2.52 1.47
C VAL A 53 -12.16 3.99 1.23
N VAL A 54 -11.19 4.72 1.73
CA VAL A 54 -11.21 6.15 1.56
C VAL A 54 -10.11 6.65 0.66
N LEU A 55 -10.51 7.31 -0.43
CA LEU A 55 -9.56 7.92 -1.39
C LEU A 55 -9.66 9.43 -1.31
N GLY A 56 -8.62 10.13 -1.72
CA GLY A 56 -8.62 11.58 -1.70
C GLY A 56 -8.39 12.19 -0.32
N ALA A 57 -8.06 11.37 0.67
CA ALA A 57 -7.86 11.91 2.01
C ALA A 57 -6.50 12.60 2.23
N TYR A 58 -6.49 13.52 3.20
CA TYR A 58 -5.29 14.21 3.63
C TYR A 58 -5.14 14.01 5.14
N ASP A 59 -5.96 14.73 5.90
CA ASP A 59 -5.97 14.64 7.38
C ASP A 59 -7.09 13.67 7.78
N LEU A 60 -6.70 12.50 8.30
CA LEU A 60 -7.66 11.47 8.71
C LEU A 60 -8.80 11.98 9.56
N ARG A 61 -8.51 12.97 10.42
CA ARG A 61 -9.51 13.52 11.35
C ARG A 61 -10.45 14.59 10.78
N ARG A 62 -10.31 14.93 9.51
CA ARG A 62 -11.14 15.95 8.89
C ARG A 62 -12.10 15.37 7.81
N ARG A 63 -13.27 16.00 7.65
CA ARG A 63 -14.25 15.51 6.66
C ARG A 63 -13.77 15.56 5.22
N GLU A 64 -13.13 16.69 4.82
CA GLU A 64 -12.59 16.85 3.46
C GLU A 64 -13.58 16.47 2.38
N ARG A 65 -14.77 16.98 2.51
CA ARG A 65 -15.82 16.64 1.57
C ARG A 65 -15.55 16.86 0.09
N GLN A 66 -14.86 17.94 -0.25
CA GLN A 66 -14.66 18.16 -1.67
C GLN A 66 -13.54 17.35 -2.25
N SER A 67 -12.75 16.69 -1.39
CA SER A 67 -11.60 15.93 -1.86
C SER A 67 -11.72 14.42 -1.76
N ARG A 68 -12.45 13.95 -0.74
CA ARG A 68 -12.58 12.53 -0.53
C ARG A 68 -13.65 11.85 -1.36
N GLN A 69 -13.43 10.57 -1.58
CA GLN A 69 -14.34 9.65 -2.22
C GLN A 69 -14.33 8.42 -1.37
N THR A 70 -15.49 7.98 -0.96
CA THR A 70 -15.58 6.82 -0.09
C THR A 70 -16.29 5.66 -0.77
N PHE A 71 -15.85 4.44 -0.46
CA PHE A 71 -16.42 3.24 -1.09
C PHE A 71 -16.56 2.05 -0.13
N SER A 72 -17.50 1.19 -0.50
CA SER A 72 -17.71 -0.07 0.16
C SER A 72 -16.92 -1.06 -0.71
N ILE A 73 -16.58 -2.22 -0.16
CA ILE A 73 -15.84 -3.23 -0.90
C ILE A 73 -16.81 -4.26 -1.44
N SER A 74 -16.89 -4.38 -2.75
CA SER A 74 -17.83 -5.32 -3.32
C SER A 74 -17.32 -6.75 -3.37
N SER A 75 -16.00 -6.90 -3.45
CA SER A 75 -15.37 -8.21 -3.49
C SER A 75 -13.89 -8.07 -3.26
N MET A 76 -13.27 -9.14 -2.79
CA MET A 76 -11.83 -9.17 -2.52
C MET A 76 -11.22 -10.34 -3.22
N SER A 77 -10.04 -10.12 -3.76
CA SER A 77 -9.35 -11.20 -4.46
C SER A 77 -7.92 -11.31 -4.01
N GLU A 78 -7.48 -12.55 -3.88
CA GLU A 78 -6.12 -12.86 -3.52
C GLU A 78 -5.58 -14.05 -4.35
N ASN A 79 -4.27 -14.18 -4.39
CA ASN A 79 -3.70 -15.24 -5.19
C ASN A 79 -2.79 -16.16 -4.38
N GLY A 80 -3.39 -17.06 -3.61
CA GLY A 80 -2.57 -17.98 -2.82
C GLY A 80 -1.97 -17.38 -1.56
N TYR A 81 -2.65 -16.45 -0.90
CA TYR A 81 -2.13 -15.83 0.32
C TYR A 81 -1.94 -16.84 1.45
N ASP A 82 -0.79 -16.80 2.07
CA ASP A 82 -0.47 -17.68 3.16
C ASP A 82 0.05 -16.87 4.31
N PRO A 83 -0.80 -16.84 5.29
CA PRO A 83 -0.62 -16.12 6.52
C PRO A 83 0.56 -16.61 7.32
N GLN A 84 0.67 -17.92 7.44
CA GLN A 84 1.75 -18.51 8.19
C GLN A 84 3.12 -18.14 7.64
N GLN A 85 3.23 -18.11 6.33
CA GLN A 85 4.50 -17.75 5.76
C GLN A 85 4.50 -16.31 5.29
N ASN A 86 3.43 -15.55 5.55
CA ASN A 86 3.41 -14.21 5.03
C ASN A 86 3.63 -14.28 3.53
N LEU A 87 3.11 -15.32 2.89
CA LEU A 87 3.31 -15.49 1.47
C LEU A 87 2.19 -14.96 0.59
N ASN A 88 2.60 -14.29 -0.49
CA ASN A 88 1.68 -13.75 -1.46
C ASN A 88 0.70 -12.82 -0.78
N ASP A 89 1.25 -11.90 0.01
CA ASP A 89 0.46 -10.96 0.77
C ASP A 89 -0.01 -9.80 -0.10
N LEU A 90 -1.03 -10.05 -0.89
CA LEU A 90 -1.52 -9.08 -1.83
C LEU A 90 -2.99 -9.29 -2.01
N MET A 91 -3.74 -8.20 -2.04
CA MET A 91 -5.19 -8.31 -2.18
C MET A 91 -5.75 -7.18 -3.00
N LEU A 92 -6.78 -7.51 -3.77
CA LEU A 92 -7.43 -6.51 -4.59
C LEU A 92 -8.84 -6.35 -4.09
N LEU A 93 -9.19 -5.09 -3.84
CA LEU A 93 -10.53 -4.75 -3.35
C LEU A 93 -11.29 -4.10 -4.46
N GLN A 94 -12.42 -4.69 -4.81
CA GLN A 94 -13.23 -4.11 -5.83
C GLN A 94 -14.12 -3.10 -5.17
N LEU A 95 -14.07 -1.87 -5.61
CA LEU A 95 -14.90 -0.81 -5.05
C LEU A 95 -16.38 -0.95 -5.46
N ASP A 96 -17.28 -0.27 -4.77
CA ASP A 96 -18.69 -0.37 -5.11
C ASP A 96 -19.02 0.26 -6.44
N ARG A 97 -18.16 1.13 -6.93
CA ARG A 97 -18.36 1.81 -8.20
C ARG A 97 -17.02 2.39 -8.65
N GLU A 98 -17.01 3.07 -9.78
CA GLU A 98 -15.76 3.67 -10.22
C GLU A 98 -15.42 4.94 -9.48
N ALA A 99 -14.17 5.09 -9.13
CA ALA A 99 -13.75 6.31 -8.50
C ALA A 99 -13.62 7.35 -9.59
N ASN A 100 -13.83 8.59 -9.26
CA ASN A 100 -13.66 9.62 -10.25
C ASN A 100 -12.22 10.09 -10.14
N LEU A 101 -11.53 10.26 -11.26
CA LEU A 101 -10.15 10.72 -11.23
C LEU A 101 -10.10 12.21 -11.13
N THR A 102 -9.60 12.68 -10.01
CA THR A 102 -9.52 14.12 -9.73
C THR A 102 -8.10 14.46 -9.39
N SER A 103 -7.86 15.70 -8.98
CA SER A 103 -6.53 16.13 -8.60
C SER A 103 -6.11 15.42 -7.30
N SER A 104 -7.10 14.95 -6.56
CA SER A 104 -6.79 14.29 -5.30
C SER A 104 -6.94 12.76 -5.35
N VAL A 105 -7.35 12.25 -6.50
CA VAL A 105 -7.53 10.81 -6.66
C VAL A 105 -7.06 10.37 -8.05
N THR A 106 -5.94 9.62 -8.05
CA THR A 106 -5.32 9.14 -9.29
C THR A 106 -4.92 7.66 -9.19
N ILE A 107 -4.70 7.05 -10.34
CA ILE A 107 -4.32 5.65 -10.40
C ILE A 107 -2.81 5.49 -10.37
N LEU A 108 -2.32 4.51 -9.63
CA LEU A 108 -0.90 4.25 -9.58
C LEU A 108 -0.58 3.12 -10.54
N PRO A 109 0.26 3.37 -11.51
CA PRO A 109 0.63 2.40 -12.51
C PRO A 109 1.43 1.24 -11.92
N LEU A 110 1.35 0.08 -12.57
CA LEU A 110 2.04 -1.12 -12.11
C LEU A 110 3.16 -1.54 -13.02
N PRO A 111 4.06 -2.33 -12.46
CA PRO A 111 5.15 -2.87 -13.26
C PRO A 111 4.60 -4.02 -14.12
N LEU A 112 5.29 -4.29 -15.21
CA LEU A 112 4.98 -5.42 -16.08
C LEU A 112 5.41 -6.72 -15.39
N GLN A 113 4.77 -7.81 -15.77
CA GLN A 113 5.08 -9.11 -15.19
C GLN A 113 6.57 -9.34 -15.14
N ASN A 114 7.00 -9.78 -13.96
CA ASN A 114 8.39 -10.11 -13.72
C ASN A 114 9.36 -8.96 -13.76
N ALA A 115 8.91 -7.73 -13.81
CA ALA A 115 9.92 -6.66 -13.85
C ALA A 115 10.71 -6.70 -12.56
N THR A 116 11.92 -6.12 -12.58
CA THR A 116 12.74 -6.10 -11.36
C THR A 116 13.24 -4.71 -11.02
N VAL A 117 13.63 -4.56 -9.79
CA VAL A 117 14.20 -3.32 -9.29
C VAL A 117 15.47 -3.74 -8.60
N GLU A 118 16.62 -3.30 -9.08
CA GLU A 118 17.85 -3.78 -8.48
C GLU A 118 18.13 -3.17 -7.12
N ALA A 119 18.99 -3.81 -6.36
CA ALA A 119 19.33 -3.25 -5.08
C ALA A 119 19.93 -1.86 -5.30
N GLY A 120 19.69 -0.97 -4.32
CA GLY A 120 20.20 0.39 -4.41
C GLY A 120 19.23 1.33 -5.11
N THR A 121 18.16 0.78 -5.69
CA THR A 121 17.18 1.63 -6.34
C THR A 121 16.43 2.47 -5.28
N ARG A 122 16.26 3.74 -5.59
CA ARG A 122 15.58 4.64 -4.69
C ARG A 122 14.08 4.62 -4.90
N CYS A 123 13.37 4.47 -3.80
CA CYS A 123 11.92 4.44 -3.83
C CYS A 123 11.39 5.35 -2.75
N GLN A 124 10.06 5.37 -2.62
CA GLN A 124 9.40 6.12 -1.57
C GLN A 124 8.25 5.31 -1.06
N VAL A 125 7.93 5.49 0.21
CA VAL A 125 6.79 4.82 0.83
C VAL A 125 6.03 5.85 1.64
N ALA A 126 4.73 5.97 1.43
CA ALA A 126 3.93 6.92 2.15
C ALA A 126 2.74 6.27 2.85
N GLY A 127 2.35 6.81 4.01
CA GLY A 127 1.20 6.22 4.70
C GLY A 127 0.85 7.00 5.97
N TRP A 128 -0.22 6.57 6.60
CA TRP A 128 -0.69 7.22 7.82
C TRP A 128 -0.27 6.42 9.06
N GLY A 129 0.66 5.47 8.90
CA GLY A 129 1.08 4.62 10.01
C GLY A 129 1.71 5.38 11.19
N SER A 130 1.91 4.67 12.29
CA SER A 130 2.49 5.25 13.50
C SER A 130 3.99 5.50 13.30
N GLN A 131 4.64 6.03 14.35
CA GLN A 131 6.07 6.31 14.30
C GLN A 131 6.84 5.29 15.11
N ARG A 132 6.12 4.47 15.81
CA ARG A 132 6.77 3.45 16.60
C ARG A 132 5.76 2.37 16.84
N SER A 133 6.23 1.17 17.06
CA SER A 133 5.31 0.06 17.28
C SER A 133 4.39 0.36 18.46
N GLY A 134 3.09 0.20 18.26
CA GLY A 134 2.17 0.47 19.36
C GLY A 134 1.86 1.95 19.54
N GLY A 135 2.43 2.80 18.70
CA GLY A 135 2.16 4.23 18.82
C GLY A 135 0.90 4.65 18.04
N ARG A 136 0.50 5.92 18.19
CA ARG A 136 -0.67 6.41 17.50
C ARG A 136 -0.39 6.59 16.04
N LEU A 137 -1.44 6.54 15.26
CA LEU A 137 -1.30 6.79 13.83
C LEU A 137 -0.95 8.26 13.60
N SER A 138 -0.56 8.57 12.38
CA SER A 138 -0.27 9.94 12.01
C SER A 138 -1.52 10.50 11.31
N ARG A 139 -2.05 11.65 11.75
CA ARG A 139 -3.25 12.14 11.08
C ARG A 139 -2.99 12.57 9.64
N PHE A 140 -1.77 13.00 9.37
CA PHE A 140 -1.37 13.38 8.03
C PHE A 140 -0.56 12.27 7.42
N PRO A 141 -0.54 12.21 6.12
CA PRO A 141 0.23 11.19 5.50
C PRO A 141 1.68 11.58 5.67
N ARG A 142 2.55 10.59 5.81
CA ARG A 142 3.98 10.83 5.91
C ARG A 142 4.68 9.98 4.87
N PHE A 143 5.90 10.38 4.52
CA PHE A 143 6.63 9.60 3.53
C PHE A 143 8.10 9.57 3.87
N VAL A 144 8.75 8.51 3.39
CA VAL A 144 10.17 8.35 3.61
C VAL A 144 10.85 7.80 2.37
N ASN A 145 12.08 8.25 2.11
CA ASN A 145 12.85 7.73 1.01
C ASN A 145 13.45 6.42 1.44
N VAL A 146 13.32 5.39 0.62
CA VAL A 146 13.91 4.12 0.96
C VAL A 146 14.77 3.59 -0.18
N THR A 147 15.64 2.62 0.14
CA THR A 147 16.54 2.01 -0.83
C THR A 147 16.38 0.49 -0.91
N VAL A 148 16.26 -0.05 -2.12
CA VAL A 148 16.08 -1.48 -2.21
C VAL A 148 17.31 -2.22 -1.67
N THR A 149 17.13 -3.26 -0.85
CA THR A 149 18.27 -3.97 -0.31
C THR A 149 18.72 -5.09 -1.20
N PRO A 150 19.87 -5.65 -0.85
CA PRO A 150 20.42 -6.80 -1.54
C PRO A 150 19.48 -7.97 -1.35
N GLU A 151 19.33 -8.77 -2.40
CA GLU A 151 18.46 -9.93 -2.38
C GLU A 151 18.74 -10.78 -1.17
N ASP A 152 20.01 -10.95 -0.89
CA ASP A 152 20.40 -11.76 0.22
C ASP A 152 19.71 -11.37 1.50
N GLN A 153 19.28 -10.12 1.61
CA GLN A 153 18.61 -9.74 2.84
C GLN A 153 17.09 -9.81 2.77
N CYS A 154 16.63 -10.27 1.63
CA CYS A 154 15.24 -10.38 1.35
C CYS A 154 14.84 -11.80 0.97
N ARG A 155 13.73 -11.89 0.26
CA ARG A 155 13.20 -13.14 -0.22
C ARG A 155 12.49 -12.95 -1.57
N PRO A 156 12.61 -13.94 -2.44
CA PRO A 156 12.05 -13.92 -3.78
C PRO A 156 10.65 -13.34 -3.85
N ASN A 157 9.77 -13.75 -2.93
CA ASN A 157 8.39 -13.25 -2.89
C ASN A 157 8.25 -11.75 -2.60
N ASN A 158 9.32 -11.14 -2.16
CA ASN A 158 9.22 -9.75 -1.79
C ASN A 158 10.30 -8.90 -2.37
N VAL A 159 10.12 -7.64 -2.10
CA VAL A 159 11.02 -6.56 -2.40
C VAL A 159 11.29 -5.97 -1.01
N CYS A 160 12.57 -5.87 -0.63
CA CYS A 160 12.95 -5.32 0.68
C CYS A 160 13.71 -4.01 0.56
N THR A 161 13.52 -3.11 1.52
CA THR A 161 14.16 -1.82 1.50
C THR A 161 14.64 -1.48 2.88
N GLY A 162 15.48 -0.46 2.92
CA GLY A 162 16.02 0.06 4.16
C GLY A 162 16.29 1.54 3.98
N VAL A 163 16.69 2.22 5.06
CA VAL A 163 17.00 3.64 5.05
C VAL A 163 18.40 3.84 5.53
N LEU A 164 18.95 5.03 5.34
CA LEU A 164 20.30 5.30 5.78
C LEU A 164 20.34 5.60 7.26
N THR A 165 19.24 6.20 7.74
CA THR A 165 19.06 6.53 9.15
C THR A 165 18.91 5.27 9.99
N ARG A 166 18.96 5.44 11.28
CA ARG A 166 18.85 4.28 12.14
C ARG A 166 17.41 3.78 12.27
N ARG A 167 16.46 4.68 11.97
CA ARG A 167 15.07 4.33 12.06
C ARG A 167 14.24 5.04 11.01
N GLY A 168 13.77 4.26 10.06
CA GLY A 168 12.93 4.77 9.01
C GLY A 168 12.24 3.62 8.29
N GLY A 169 11.01 3.84 7.86
CA GLY A 169 10.28 2.82 7.16
C GLY A 169 8.85 2.74 7.64
N ILE A 170 8.23 1.60 7.37
CA ILE A 170 6.84 1.38 7.71
C ILE A 170 6.62 1.07 9.16
N CYS A 171 5.40 1.31 9.60
CA CYS A 171 5.02 0.99 10.95
C CYS A 171 3.55 0.62 10.97
N ASN A 172 2.96 0.54 12.15
CA ASN A 172 1.55 0.17 12.28
C ASN A 172 0.68 1.09 11.47
N GLY A 173 -0.16 0.48 10.63
CA GLY A 173 -1.07 1.20 9.74
C GLY A 173 -0.52 1.47 8.34
N ASP A 174 0.73 1.13 8.05
CA ASP A 174 1.26 1.38 6.73
C ASP A 174 1.14 0.15 5.86
N GLN A 175 0.79 -0.94 6.53
CA GLN A 175 0.59 -2.23 5.88
C GLN A 175 -0.41 -2.09 4.75
N GLY A 176 -0.07 -2.59 3.58
CA GLY A 176 -0.94 -2.49 2.44
C GLY A 176 -0.60 -1.29 1.54
N THR A 177 0.12 -0.31 2.11
CA THR A 177 0.50 0.85 1.35
C THR A 177 1.58 0.48 0.36
N PRO A 178 1.57 1.14 -0.75
CA PRO A 178 2.51 0.82 -1.81
C PRO A 178 3.94 1.32 -1.65
N LEU A 179 4.87 0.57 -2.28
CA LEU A 179 6.25 0.96 -2.37
C LEU A 179 6.35 1.49 -3.78
N VAL A 180 6.73 2.73 -3.98
CA VAL A 180 6.77 3.28 -5.32
C VAL A 180 8.16 3.53 -5.78
N CYS A 181 8.54 2.86 -6.86
CA CYS A 181 9.86 3.03 -7.44
C CYS A 181 9.74 3.42 -8.90
N GLU A 182 10.51 4.44 -9.25
CA GLU A 182 10.56 4.93 -10.58
C GLU A 182 9.18 5.03 -11.14
N GLY A 183 8.29 5.59 -10.33
CA GLY A 183 6.90 5.86 -10.65
C GLY A 183 5.92 4.68 -10.61
N LEU A 184 6.39 3.45 -10.32
CA LEU A 184 5.50 2.29 -10.32
C LEU A 184 5.31 1.68 -8.93
N ALA A 185 4.21 0.96 -8.76
CA ALA A 185 3.94 0.27 -7.52
C ALA A 185 4.67 -1.07 -7.57
N HIS A 186 5.92 -1.05 -7.10
CA HIS A 186 6.74 -2.26 -7.09
C HIS A 186 6.50 -3.16 -5.89
N GLY A 187 5.88 -2.60 -4.84
CA GLY A 187 5.62 -3.36 -3.64
C GLY A 187 4.35 -2.92 -2.91
N VAL A 188 3.93 -3.83 -2.02
CA VAL A 188 2.81 -3.67 -1.12
C VAL A 188 3.33 -3.97 0.27
N ALA A 189 3.31 -2.96 1.14
CA ALA A 189 3.81 -3.12 2.49
C ALA A 189 3.19 -4.33 3.16
N SER A 190 4.06 -5.24 3.60
CA SER A 190 3.63 -6.46 4.21
C SER A 190 3.98 -6.55 5.71
N PHE A 191 5.27 -6.53 6.03
CA PHE A 191 5.71 -6.64 7.44
C PHE A 191 7.14 -6.17 7.58
N SER A 192 7.48 -5.98 8.83
CA SER A 192 8.81 -5.59 9.25
C SER A 192 8.99 -6.18 10.63
N LEU A 193 10.19 -6.61 10.95
CA LEU A 193 10.43 -7.23 12.24
C LEU A 193 11.18 -6.39 13.22
N GLY A 194 10.75 -6.51 14.46
CA GLY A 194 11.36 -5.81 15.57
C GLY A 194 10.93 -4.36 15.61
N PRO A 195 11.83 -3.47 15.97
CA PRO A 195 11.42 -2.09 16.02
C PRO A 195 11.20 -1.51 14.63
N CYS A 196 10.10 -0.79 14.48
CA CYS A 196 9.79 -0.17 13.21
C CYS A 196 10.97 0.69 12.79
N GLY A 197 11.36 0.64 11.52
CA GLY A 197 12.44 1.48 11.04
C GLY A 197 13.80 0.80 11.14
N ARG A 198 13.84 -0.27 11.94
CA ARG A 198 15.09 -1.00 12.07
C ARG A 198 15.56 -1.58 10.76
N GLY A 199 14.64 -2.20 10.00
CA GLY A 199 14.96 -2.75 8.68
C GLY A 199 15.29 -4.22 8.73
N PRO A 200 15.05 -4.88 7.61
CA PRO A 200 14.50 -4.23 6.43
C PRO A 200 12.99 -4.38 6.43
N ASP A 201 12.36 -3.55 5.59
CA ASP A 201 10.92 -3.60 5.41
C ASP A 201 10.62 -4.62 4.30
N PHE A 202 9.60 -5.44 4.49
CA PHE A 202 9.22 -6.40 3.49
C PHE A 202 7.92 -6.00 2.78
N PHE A 203 8.02 -5.91 1.46
CA PHE A 203 6.89 -5.59 0.60
C PHE A 203 6.62 -6.75 -0.35
N THR A 204 5.37 -7.04 -0.61
CA THR A 204 5.09 -8.09 -1.56
C THR A 204 5.60 -7.62 -2.92
N ARG A 205 6.27 -8.48 -3.67
CA ARG A 205 6.78 -8.09 -4.98
C ARG A 205 5.66 -8.03 -6.02
N VAL A 206 5.17 -6.83 -6.29
CA VAL A 206 4.05 -6.68 -7.21
C VAL A 206 4.26 -7.26 -8.62
N ALA A 207 5.43 -7.04 -9.17
CA ALA A 207 5.71 -7.54 -10.51
C ALA A 207 5.45 -9.03 -10.69
N LEU A 208 5.47 -9.78 -9.58
CA LEU A 208 5.24 -11.20 -9.67
C LEU A 208 3.80 -11.49 -9.96
N PHE A 209 2.92 -10.53 -9.63
CA PHE A 209 1.46 -10.72 -9.72
C PHE A 209 0.75 -9.97 -10.85
N ARG A 210 1.51 -9.29 -11.69
CA ARG A 210 0.94 -8.50 -12.76
C ARG A 210 -0.05 -9.22 -13.61
N ASP A 211 0.30 -10.41 -14.08
CA ASP A 211 -0.65 -11.16 -14.89
C ASP A 211 -1.91 -11.48 -14.12
N TRP A 212 -1.76 -11.89 -12.85
CA TRP A 212 -2.91 -12.26 -12.04
C TRP A 212 -3.80 -11.04 -11.77
N ILE A 213 -3.18 -9.93 -11.46
CA ILE A 213 -3.92 -8.69 -11.20
C ILE A 213 -4.75 -8.32 -12.43
N ASP A 214 -4.11 -8.46 -13.59
CA ASP A 214 -4.74 -8.14 -14.87
C ASP A 214 -5.99 -8.94 -15.05
N GLY A 215 -5.89 -10.17 -14.65
CA GLY A 215 -7.03 -11.04 -14.74
C GLY A 215 -8.18 -10.52 -13.91
N VAL A 216 -7.87 -10.06 -12.69
CA VAL A 216 -8.90 -9.51 -11.83
C VAL A 216 -9.51 -8.23 -12.43
N LEU A 217 -8.65 -7.30 -12.79
CA LEU A 217 -9.10 -6.04 -13.35
C LEU A 217 -10.01 -6.19 -14.54
N ASN A 218 -9.73 -7.18 -15.37
CA ASN A 218 -10.49 -7.41 -16.57
C ASN A 218 -11.68 -8.32 -16.38
N ASN A 219 -11.93 -8.74 -15.17
CA ASN A 219 -13.07 -9.61 -14.91
C ASN A 219 -13.76 -9.23 -13.65
N PRO A 220 -14.19 -7.98 -13.61
CA PRO A 220 -14.84 -7.42 -12.46
C PRO A 220 -16.07 -8.21 -12.06
N GLY A 221 -16.29 -8.27 -10.76
CA GLY A 221 -17.44 -9.01 -10.22
C GLY A 221 -17.01 -9.78 -8.97
N PRO A 222 -17.99 -10.17 -8.19
CA PRO A 222 -17.78 -10.91 -6.94
C PRO A 222 -17.31 -12.34 -7.12
N GLY A 223 -17.30 -12.84 -8.36
CA GLY A 223 -16.89 -14.22 -8.58
C GLY A 223 -18.01 -15.23 -8.30
N PRO A 224 -17.67 -16.51 -8.44
CA PRO A 224 -18.64 -17.59 -8.24
C PRO A 224 -19.43 -17.42 -6.95
N ALA A 225 -20.71 -17.69 -7.09
CA ALA A 225 -21.69 -17.55 -6.03
C ALA A 225 -22.15 -18.88 -5.50
C1 NAG B . 14.18 12.21 -0.42
C2 NAG B . 14.29 13.21 0.72
C3 NAG B . 14.57 14.56 0.02
C4 NAG B . 15.87 14.52 -0.82
C5 NAG B . 15.66 13.39 -1.84
C6 NAG B . 16.87 13.21 -2.76
C7 NAG B . 12.85 12.66 2.52
C8 NAG B . 11.37 12.54 2.94
N2 NAG B . 13.00 13.31 1.38
O3 NAG B . 14.60 15.57 0.98
O4 NAG B . 16.06 15.76 -1.60
O5 NAG B . 15.43 12.23 -1.06
O6 NAG B . 18.07 13.27 -1.96
O7 NAG B . 13.76 11.88 2.82
C1 NAG B . 17.26 16.51 -1.27
C2 NAG B . 17.47 17.57 -2.35
C3 NAG B . 18.73 18.39 -2.06
C4 NAG B . 18.70 18.99 -0.63
C5 NAG B . 18.46 17.87 0.39
C6 NAG B . 18.33 18.39 1.83
C7 NAG B . 16.54 17.21 -4.59
C8 NAG B . 17.13 17.71 -5.92
N2 NAG B . 17.52 16.98 -3.70
O3 NAG B . 18.70 19.44 -3.00
O4 NAG B . 19.93 19.72 -0.21
O5 NAG B . 17.26 17.21 -0.04
O6 NAG B . 17.00 18.96 1.96
O7 NAG B . 15.37 17.39 -4.23
C1 NAG C . 7.94 -14.74 -15.34
C2 NAG C . 7.54 -15.31 -16.70
C3 NAG C . 7.09 -16.78 -16.45
C4 NAG C . 8.22 -17.57 -15.76
C5 NAG C . 8.45 -16.92 -14.40
C6 NAG C . 9.42 -17.68 -13.49
C7 NAG C . 6.61 -13.88 -18.41
C8 NAG C . 5.38 -13.07 -18.82
N2 NAG C . 6.42 -14.54 -17.27
O3 NAG C . 6.96 -17.34 -17.72
O4 NAG C . 7.91 -18.99 -15.52
O5 NAG C . 8.90 -15.60 -14.74
O6 NAG C . 10.76 -17.68 -14.05
O7 NAG C . 7.75 -13.70 -18.85
CL CL D . 7.88 -2.36 -16.07
C1 EOH E . -18.26 -5.47 -12.09
C2 EOH E . -18.73 -4.35 -13.06
O EOH E . -19.04 -5.48 -10.87
#